data_4DHT
#
_entry.id   4DHT
#
_cell.length_a   82.320
_cell.length_b   112.340
_cell.length_c   62.530
_cell.angle_alpha   90.00
_cell.angle_beta   90.00
_cell.angle_gamma   90.00
#
_symmetry.space_group_name_H-M   'C 2 2 21'
#
loop_
_entity.id
_entity.type
_entity.pdbx_description
1 polymer '14-3-3 PROTEIN SIGMA'
2 non-polymer 'MAGNESIUM ION'
3 non-polymer 'CHLORIDE ION'
4 non-polymer GLYCEROL
5 non-polymer '{2-[2-(cyclohexylamino)-2-oxoethoxy]phenyl}phosphonic acid'
6 water water
#
_entity_poly.entity_id   1
_entity_poly.type   'polypeptide(L)'
_entity_poly.pdbx_seq_one_letter_code
;AMGSMERASLIQKAKLAEQAERYEDMAAFMKGAVEKGEELSCEERNLLSVAYKNVVGGQRAAWRVLSSIEQKSNEEGSEE
KGPEVREYREKVETELQGVCDTVLGLLDSHLIKEAGDAESRVFYLKMKGDYYRYLAEVATGDDKKRIIDSARSAYQEAMD
ISKKEMPPTNPIRLGLALNFSVFHYEIANSPEEAISLAKTTFDEAMADLHTLSEDSYKDSTLIMQLLRDNLTLWT
;
_entity_poly.pdbx_strand_id   A
#
# COMPACT_ATOMS: atom_id res chain seq x y z
N ALA A 1 -16.32 17.16 6.76
CA ALA A 1 -16.54 17.45 8.23
C ALA A 1 -15.29 17.98 8.99
N MET A 2 -14.11 17.95 8.36
CA MET A 2 -12.89 18.47 9.00
C MET A 2 -12.53 19.83 8.46
N GLY A 3 -13.43 20.35 7.63
CA GLY A 3 -13.20 21.67 6.98
C GLY A 3 -12.96 22.85 7.93
N SER A 4 -13.52 22.80 9.14
CA SER A 4 -13.36 23.92 10.07
CA SER A 4 -13.35 23.93 10.07
C SER A 4 -12.14 23.78 10.97
N MET A 5 -11.42 22.62 10.91
CA MET A 5 -10.25 22.43 11.79
C MET A 5 -8.96 22.85 11.11
N GLU A 6 -8.12 23.56 11.83
CA GLU A 6 -6.76 23.96 11.25
C GLU A 6 -5.99 22.72 10.75
N ARG A 7 -5.23 22.89 9.67
CA ARG A 7 -4.38 21.80 9.22
C ARG A 7 -3.45 21.31 10.31
N ALA A 8 -2.80 22.21 11.04
CA ALA A 8 -1.86 21.68 12.03
C ALA A 8 -2.58 20.90 13.16
N SER A 9 -3.79 21.33 13.51
CA SER A 9 -4.59 20.64 14.58
C SER A 9 -4.98 19.21 14.11
N LEU A 10 -5.32 19.07 12.82
CA LEU A 10 -5.65 17.77 12.22
C LEU A 10 -4.42 16.83 12.30
N ILE A 11 -3.25 17.34 11.95
CA ILE A 11 -2.02 16.54 12.07
CA ILE A 11 -2.07 16.48 12.05
C ILE A 11 -1.74 16.16 13.52
N GLN A 12 -1.88 17.14 14.43
CA GLN A 12 -1.61 16.84 15.84
C GLN A 12 -2.61 15.77 16.32
N LYS A 13 -3.88 15.94 15.95
CA LYS A 13 -4.89 14.91 16.38
C LYS A 13 -4.68 13.51 15.70
N ALA A 14 -4.16 13.48 14.45
CA ALA A 14 -3.82 12.21 13.83
C ALA A 14 -2.77 11.49 14.63
N LYS A 15 -1.77 12.22 15.16
CA LYS A 15 -0.72 11.60 15.95
C LYS A 15 -1.27 11.08 17.27
N LEU A 16 -2.12 11.85 17.91
CA LEU A 16 -2.83 11.38 19.14
C LEU A 16 -3.68 10.16 18.92
N ALA A 17 -4.43 10.14 17.82
CA ALA A 17 -5.31 8.96 17.47
C ALA A 17 -4.46 7.73 17.18
N GLU A 18 -3.29 7.90 16.51
CA GLU A 18 -2.30 6.80 16.43
C GLU A 18 -1.87 6.25 17.84
N GLN A 19 -1.61 7.13 18.78
CA GLN A 19 -1.17 6.70 20.15
C GLN A 19 -2.27 5.97 20.86
N ALA A 20 -3.52 6.35 20.53
CA ALA A 20 -4.69 5.80 21.17
C ALA A 20 -5.23 4.56 20.42
N GLU A 21 -4.53 4.16 19.36
CA GLU A 21 -4.97 3.11 18.44
C GLU A 21 -6.37 3.33 17.86
N ARG A 22 -6.69 4.56 17.55
CA ARG A 22 -7.97 4.88 16.98
C ARG A 22 -7.75 5.20 15.53
N TYR A 23 -7.65 4.15 14.73
CA TYR A 23 -7.20 4.39 13.33
C TYR A 23 -8.27 4.93 12.42
N GLU A 24 -9.56 4.67 12.66
CA GLU A 24 -10.59 5.34 11.88
CA GLU A 24 -10.63 5.34 11.91
C GLU A 24 -10.54 6.87 12.12
N ASP A 25 -10.39 7.28 13.38
CA ASP A 25 -10.25 8.72 13.64
C ASP A 25 -8.95 9.23 12.97
N MET A 26 -7.88 8.48 13.11
CA MET A 26 -6.61 8.89 12.46
C MET A 26 -6.81 9.15 10.97
N ALA A 27 -7.50 8.21 10.25
CA ALA A 27 -7.74 8.34 8.81
C ALA A 27 -8.58 9.54 8.51
N ALA A 28 -9.62 9.75 9.30
CA ALA A 28 -10.46 10.92 9.01
C ALA A 28 -9.70 12.25 9.23
N PHE A 29 -8.82 12.31 10.25
CA PHE A 29 -8.03 13.54 10.48
C PHE A 29 -7.07 13.72 9.28
N MET A 30 -6.38 12.63 8.91
CA MET A 30 -5.46 12.78 7.70
C MET A 30 -6.20 13.10 6.38
N LYS A 31 -7.37 12.51 6.17
CA LYS A 31 -8.20 12.89 5.04
C LYS A 31 -8.45 14.41 5.06
N GLY A 32 -8.84 14.92 6.26
CA GLY A 32 -9.09 16.36 6.39
C GLY A 32 -7.84 17.15 6.10
N ALA A 33 -6.68 16.64 6.56
CA ALA A 33 -5.43 17.39 6.26
C ALA A 33 -5.11 17.42 4.77
N VAL A 34 -5.23 16.29 4.10
CA VAL A 34 -5.00 16.28 2.63
C VAL A 34 -5.94 17.25 1.94
N GLU A 35 -7.22 17.24 2.36
CA GLU A 35 -8.22 18.14 1.77
C GLU A 35 -8.00 19.64 1.90
N LYS A 36 -7.05 20.01 2.73
CA LYS A 36 -6.59 21.42 2.83
C LYS A 36 -5.90 21.86 1.58
N GLY A 37 -5.44 20.90 0.80
CA GLY A 37 -4.89 21.25 -0.54
C GLY A 37 -3.40 21.49 -0.65
N GLU A 38 -2.69 21.55 0.49
CA GLU A 38 -1.23 21.65 0.49
CA GLU A 38 -1.24 21.65 0.49
C GLU A 38 -0.57 20.26 0.34
N GLU A 39 0.64 20.23 -0.23
CA GLU A 39 1.41 19.00 -0.30
C GLU A 39 1.71 18.50 1.13
N LEU A 40 1.92 17.21 1.25
CA LEU A 40 2.22 16.57 2.52
CA LEU A 40 2.23 16.59 2.54
C LEU A 40 3.71 16.43 2.69
N SER A 41 4.22 16.68 3.89
CA SER A 41 5.61 16.34 4.18
C SER A 41 5.85 14.81 4.29
N CYS A 42 7.11 14.35 4.42
CA CYS A 42 7.36 12.93 4.54
CA CYS A 42 7.40 12.93 4.60
C CYS A 42 6.65 12.35 5.77
N GLU A 43 6.78 13.04 6.88
CA GLU A 43 6.13 12.58 8.11
CA GLU A 43 6.16 12.64 8.13
C GLU A 43 4.64 12.47 7.94
N GLU A 44 4.03 13.46 7.31
CA GLU A 44 2.57 13.47 7.06
C GLU A 44 2.13 12.37 6.09
N ARG A 45 2.95 12.11 5.04
CA ARG A 45 2.69 10.95 4.16
C ARG A 45 2.64 9.69 4.92
N ASN A 46 3.57 9.53 5.86
CA ASN A 46 3.54 8.29 6.58
CA ASN A 46 3.60 8.33 6.67
C ASN A 46 2.35 8.18 7.52
N LEU A 47 1.85 9.32 8.06
CA LEU A 47 0.65 9.27 8.94
C LEU A 47 -0.54 8.83 8.11
N LEU A 48 -0.63 9.40 6.92
CA LEU A 48 -1.73 9.01 6.01
C LEU A 48 -1.73 7.51 5.71
N SER A 49 -0.56 6.99 5.33
CA SER A 49 -0.38 5.56 5.02
CA SER A 49 -0.46 5.57 4.99
C SER A 49 -0.70 4.68 6.20
N VAL A 50 -0.13 4.99 7.36
CA VAL A 50 -0.42 4.16 8.58
C VAL A 50 -1.92 4.13 8.91
N ALA A 51 -2.57 5.29 8.84
CA ALA A 51 -4.02 5.35 9.21
C ALA A 51 -4.80 4.42 8.31
N TYR A 52 -4.68 4.60 6.97
CA TYR A 52 -5.51 3.80 6.07
C TYR A 52 -5.08 2.34 6.00
N LYS A 53 -3.80 2.02 6.24
CA LYS A 53 -3.38 0.62 6.20
CA LYS A 53 -3.38 0.64 6.18
C LYS A 53 -4.05 -0.11 7.33
N ASN A 54 -4.13 0.53 8.46
CA ASN A 54 -4.78 -0.14 9.61
C ASN A 54 -6.26 -0.25 9.45
N VAL A 55 -6.92 0.79 8.91
CA VAL A 55 -8.38 0.73 8.70
C VAL A 55 -8.67 -0.39 7.72
N VAL A 56 -8.02 -0.38 6.57
CA VAL A 56 -8.31 -1.39 5.54
CA VAL A 56 -8.32 -1.41 5.57
C VAL A 56 -7.85 -2.79 6.01
N GLY A 57 -6.77 -2.85 6.78
CA GLY A 57 -6.30 -4.10 7.34
C GLY A 57 -7.40 -4.76 8.20
N GLY A 58 -8.05 -4.00 9.08
CA GLY A 58 -9.23 -4.53 9.80
C GLY A 58 -10.34 -5.12 8.86
N GLN A 59 -10.69 -4.36 7.83
CA GLN A 59 -11.71 -4.74 6.90
C GLN A 59 -11.26 -5.97 6.11
N ARG A 60 -9.99 -6.01 5.65
CA ARG A 60 -9.56 -7.19 4.84
C ARG A 60 -9.57 -8.45 5.72
N ALA A 61 -9.15 -8.33 6.98
CA ALA A 61 -9.12 -9.49 7.83
C ALA A 61 -10.54 -9.96 8.08
N ALA A 62 -11.46 -9.03 8.32
CA ALA A 62 -12.89 -9.47 8.43
C ALA A 62 -13.45 -10.13 7.18
N TRP A 63 -13.18 -9.51 6.02
CA TRP A 63 -13.68 -10.03 4.76
C TRP A 63 -13.14 -11.46 4.55
N ARG A 64 -11.89 -11.70 4.94
CA ARG A 64 -11.34 -13.03 4.83
C ARG A 64 -12.02 -14.08 5.68
N VAL A 65 -12.25 -13.75 6.93
CA VAL A 65 -13.05 -14.63 7.83
C VAL A 65 -14.42 -14.96 7.16
N LEU A 66 -15.15 -13.92 6.72
CA LEU A 66 -16.55 -14.08 6.22
C LEU A 66 -16.52 -14.84 4.89
N SER A 67 -15.53 -14.55 4.04
CA SER A 67 -15.44 -15.26 2.76
CA SER A 67 -15.43 -15.28 2.77
C SER A 67 -15.20 -16.78 2.98
N SER A 68 -14.39 -17.11 3.97
CA SER A 68 -14.07 -18.50 4.29
CA SER A 68 -14.06 -18.50 4.32
C SER A 68 -15.33 -19.21 4.78
N ILE A 69 -16.07 -18.54 5.64
CA ILE A 69 -17.34 -19.09 6.15
C ILE A 69 -18.30 -19.32 4.98
N GLU A 70 -18.41 -18.32 4.10
CA GLU A 70 -19.32 -18.40 2.94
C GLU A 70 -18.94 -19.56 2.00
N GLN A 71 -17.64 -19.73 1.79
CA GLN A 71 -17.20 -20.80 0.89
CA GLN A 71 -17.12 -20.81 0.91
C GLN A 71 -17.58 -22.16 1.46
N LYS A 72 -17.35 -22.36 2.74
CA LYS A 72 -17.80 -23.57 3.42
C LYS A 72 -19.33 -23.79 3.36
N SER A 73 -20.09 -22.72 3.44
CA SER A 73 -21.53 -22.78 3.27
C SER A 73 -21.97 -23.26 1.88
N ASN A 74 -21.07 -23.21 0.89
CA ASN A 74 -21.40 -23.50 -0.51
C ASN A 74 -20.80 -24.79 -1.06
N GLY A 82 -29.30 -19.78 4.68
CA GLY A 82 -29.96 -18.49 4.34
C GLY A 82 -28.97 -17.49 3.72
N PRO A 83 -29.44 -16.28 3.45
CA PRO A 83 -28.67 -15.26 2.73
C PRO A 83 -27.73 -14.50 3.69
N GLU A 84 -27.75 -14.79 5.01
CA GLU A 84 -27.09 -13.88 5.97
C GLU A 84 -25.57 -13.80 5.77
N VAL A 85 -24.91 -14.93 5.55
CA VAL A 85 -23.44 -14.92 5.41
CA VAL A 85 -23.43 -14.87 5.43
C VAL A 85 -23.06 -14.02 4.24
N ARG A 86 -23.69 -14.30 3.09
CA ARG A 86 -23.43 -13.50 1.87
CA ARG A 86 -23.47 -13.53 1.86
C ARG A 86 -23.77 -12.04 2.11
N GLU A 87 -24.90 -11.76 2.78
CA GLU A 87 -25.26 -10.34 3.02
C GLU A 87 -24.24 -9.63 3.85
N TYR A 88 -23.76 -10.30 4.90
CA TYR A 88 -22.86 -9.61 5.76
C TYR A 88 -21.45 -9.50 5.17
N ARG A 89 -21.03 -10.55 4.46
CA ARG A 89 -19.77 -10.44 3.65
C ARG A 89 -19.87 -9.28 2.65
N GLU A 90 -21.00 -9.14 1.95
CA GLU A 90 -21.22 -8.03 1.05
CA GLU A 90 -21.22 -8.01 1.08
C GLU A 90 -21.18 -6.65 1.75
N LYS A 91 -21.73 -6.56 2.96
CA LYS A 91 -21.71 -5.30 3.77
C LYS A 91 -20.23 -4.89 4.02
N VAL A 92 -19.43 -5.86 4.46
CA VAL A 92 -18.01 -5.61 4.82
C VAL A 92 -17.22 -5.26 3.54
N GLU A 93 -17.50 -6.01 2.49
CA GLU A 93 -16.88 -5.78 1.16
C GLU A 93 -17.17 -4.37 0.68
N THR A 94 -18.42 -3.94 0.74
CA THR A 94 -18.78 -2.57 0.34
C THR A 94 -18.06 -1.50 1.16
N GLU A 95 -17.93 -1.72 2.46
CA GLU A 95 -17.28 -0.68 3.24
CA GLU A 95 -17.24 -0.77 3.34
C GLU A 95 -15.77 -0.68 2.91
N LEU A 96 -15.22 -1.87 2.65
CA LEU A 96 -13.80 -1.99 2.26
C LEU A 96 -13.62 -1.20 0.97
N GLN A 97 -14.53 -1.41 0.03
CA GLN A 97 -14.40 -0.76 -1.30
C GLN A 97 -14.53 0.73 -1.14
N GLY A 98 -15.38 1.15 -0.21
CA GLY A 98 -15.52 2.58 0.00
C GLY A 98 -14.26 3.24 0.58
N VAL A 99 -13.54 2.54 1.45
CA VAL A 99 -12.28 3.00 2.02
C VAL A 99 -11.27 3.09 0.86
N CYS A 100 -11.16 2.02 0.07
CA CYS A 100 -10.19 2.07 -1.06
C CYS A 100 -10.52 3.20 -2.02
N ASP A 101 -11.79 3.36 -2.36
CA ASP A 101 -12.17 4.49 -3.21
C ASP A 101 -11.83 5.86 -2.63
N THR A 102 -11.98 6.00 -1.31
CA THR A 102 -11.65 7.27 -0.64
C THR A 102 -10.12 7.56 -0.80
N VAL A 103 -9.30 6.54 -0.58
CA VAL A 103 -7.84 6.73 -0.65
C VAL A 103 -7.45 7.05 -2.10
N LEU A 104 -8.02 6.28 -3.02
CA LEU A 104 -7.74 6.51 -4.47
C LEU A 104 -8.18 7.90 -4.89
N GLY A 105 -9.30 8.35 -4.34
CA GLY A 105 -9.76 9.71 -4.57
C GLY A 105 -8.84 10.78 -4.08
N LEU A 106 -8.20 10.58 -2.92
CA LEU A 106 -7.28 11.57 -2.38
C LEU A 106 -6.02 11.58 -3.26
N LEU A 107 -5.60 10.41 -3.69
CA LEU A 107 -4.38 10.34 -4.58
C LEU A 107 -4.65 11.07 -5.89
N ASP A 108 -5.83 10.88 -6.44
CA ASP A 108 -6.17 11.47 -7.70
C ASP A 108 -6.57 12.96 -7.61
N SER A 109 -6.92 13.44 -6.41
CA SER A 109 -7.39 14.82 -6.20
C SER A 109 -6.78 15.41 -4.96
N HIS A 110 -5.51 15.85 -4.98
CA HIS A 110 -4.68 15.97 -6.18
C HIS A 110 -3.25 15.59 -5.80
N LEU A 111 -3.10 14.60 -4.90
CA LEU A 111 -1.77 14.34 -4.35
C LEU A 111 -0.76 13.92 -5.46
N ILE A 112 -1.14 13.03 -6.33
CA ILE A 112 -0.17 12.52 -7.31
C ILE A 112 0.21 13.65 -8.26
N LYS A 113 -0.78 14.34 -8.78
CA LYS A 113 -0.42 15.37 -9.77
C LYS A 113 0.49 16.47 -9.23
N GLU A 114 0.42 16.79 -7.93
CA GLU A 114 1.33 17.83 -7.42
CA GLU A 114 1.26 17.82 -7.32
C GLU A 114 2.65 17.32 -6.90
N ALA A 115 2.86 16.00 -6.94
CA ALA A 115 4.09 15.38 -6.32
C ALA A 115 5.16 15.33 -7.40
N GLY A 116 6.14 16.20 -7.26
CA GLY A 116 7.24 16.33 -8.28
C GLY A 116 8.53 15.65 -7.82
N ASP A 117 8.74 15.47 -6.52
CA ASP A 117 9.96 14.83 -6.06
C ASP A 117 9.81 13.35 -6.12
N ALA A 118 10.91 12.61 -6.39
CA ALA A 118 10.79 11.17 -6.45
C ALA A 118 10.23 10.53 -5.21
N GLU A 119 10.67 10.96 -4.01
CA GLU A 119 10.25 10.31 -2.77
CA GLU A 119 10.23 10.34 -2.73
C GLU A 119 8.71 10.43 -2.62
N SER A 120 8.15 11.56 -3.00
CA SER A 120 6.70 11.69 -2.86
CA SER A 120 6.71 11.69 -2.85
C SER A 120 5.94 10.98 -3.95
N ARG A 121 6.42 11.11 -5.20
CA ARG A 121 5.71 10.54 -6.31
C ARG A 121 5.68 8.99 -6.24
N VAL A 122 6.81 8.39 -5.88
CA VAL A 122 6.89 6.92 -5.72
C VAL A 122 5.99 6.51 -4.57
N PHE A 123 6.04 7.26 -3.47
CA PHE A 123 5.17 6.90 -2.27
C PHE A 123 3.70 6.84 -2.70
N TYR A 124 3.22 7.87 -3.38
CA TYR A 124 1.78 7.93 -3.72
C TYR A 124 1.41 6.94 -4.78
N LEU A 125 2.30 6.73 -5.78
CA LEU A 125 2.00 5.66 -6.77
C LEU A 125 2.02 4.27 -6.14
N LYS A 126 2.91 3.99 -5.22
CA LYS A 126 2.84 2.69 -4.54
C LYS A 126 1.47 2.57 -3.80
N MET A 127 1.05 3.64 -3.11
CA MET A 127 -0.28 3.62 -2.43
CA MET A 127 -0.28 3.66 -2.45
C MET A 127 -1.38 3.36 -3.44
N LYS A 128 -1.34 4.01 -4.61
CA LYS A 128 -2.35 3.77 -5.63
C LYS A 128 -2.32 2.27 -6.03
N GLY A 129 -1.14 1.67 -6.21
CA GLY A 129 -1.04 0.21 -6.52
C GLY A 129 -1.66 -0.62 -5.38
N ASP A 130 -1.36 -0.28 -4.14
CA ASP A 130 -1.80 -1.10 -2.98
C ASP A 130 -3.32 -1.05 -2.91
N TYR A 131 -3.90 0.16 -3.05
CA TYR A 131 -5.39 0.24 -2.84
C TYR A 131 -6.17 -0.35 -4.04
N TYR A 132 -5.66 -0.29 -5.29
CA TYR A 132 -6.27 -1.08 -6.36
C TYR A 132 -6.07 -2.59 -6.10
N ARG A 133 -4.91 -2.97 -5.54
CA ARG A 133 -4.71 -4.37 -5.22
C ARG A 133 -5.77 -4.86 -4.17
N TYR A 134 -6.07 -4.03 -3.19
CA TYR A 134 -7.13 -4.44 -2.21
C TYR A 134 -8.47 -4.54 -2.90
N LEU A 135 -8.77 -3.59 -3.79
CA LEU A 135 -9.99 -3.73 -4.61
C LEU A 135 -9.91 -5.01 -5.40
N ALA A 136 -8.73 -5.37 -5.89
CA ALA A 136 -8.70 -6.63 -6.74
C ALA A 136 -8.98 -7.88 -5.94
N GLU A 137 -8.60 -7.88 -4.67
CA GLU A 137 -8.74 -9.06 -3.81
C GLU A 137 -10.22 -9.45 -3.67
N VAL A 138 -11.12 -8.48 -3.76
CA VAL A 138 -12.57 -8.77 -3.56
C VAL A 138 -13.32 -8.75 -4.89
N ALA A 139 -12.63 -8.44 -5.98
CA ALA A 139 -13.29 -8.24 -7.27
C ALA A 139 -13.57 -9.58 -7.96
N THR A 140 -14.53 -9.65 -8.87
N THR A 140 -14.76 -9.53 -8.60
CA THR A 140 -14.61 -10.88 -9.68
CA THR A 140 -15.46 -10.64 -9.23
C THR A 140 -14.64 -10.59 -11.20
C THR A 140 -16.21 -10.26 -10.54
N GLY A 141 -14.42 -11.63 -12.02
N GLY A 141 -16.54 -8.98 -10.72
CA GLY A 141 -14.64 -11.53 -13.46
CA GLY A 141 -17.33 -8.53 -11.86
C GLY A 141 -13.69 -10.65 -14.25
C GLY A 141 -16.54 -8.34 -13.16
N ASP A 142 -14.21 -9.99 -15.28
N ASP A 142 -17.16 -7.69 -14.13
CA ASP A 142 -13.43 -8.98 -16.02
CA ASP A 142 -16.47 -7.49 -15.40
C ASP A 142 -13.97 -7.59 -15.66
C ASP A 142 -15.44 -6.40 -15.23
N ASP A 143 -14.06 -7.42 -14.36
N ASP A 143 -14.88 -6.32 -14.03
CA ASP A 143 -14.18 -6.12 -13.71
CA ASP A 143 -13.72 -5.45 -13.77
C ASP A 143 -12.84 -6.11 -13.00
C ASP A 143 -12.59 -6.02 -12.88
N LYS A 144 -12.58 -7.31 -12.50
CA LYS A 144 -11.39 -7.74 -11.83
C LYS A 144 -10.21 -7.41 -12.76
N LYS A 145 -10.36 -7.64 -14.07
CA LYS A 145 -9.20 -7.42 -14.98
C LYS A 145 -8.73 -6.00 -15.07
N ARG A 146 -9.64 -5.05 -15.22
CA ARG A 146 -9.26 -3.65 -15.32
CA ARG A 146 -9.29 -3.64 -15.32
C ARG A 146 -8.70 -3.18 -13.97
N ILE A 147 -9.19 -3.74 -12.87
CA ILE A 147 -8.68 -3.33 -11.55
C ILE A 147 -7.22 -3.83 -11.35
N ILE A 148 -6.96 -5.09 -11.72
CA ILE A 148 -5.64 -5.63 -11.72
C ILE A 148 -4.75 -4.79 -12.60
N ASP A 149 -5.20 -4.47 -13.81
CA ASP A 149 -4.34 -3.63 -14.67
C ASP A 149 -4.05 -2.24 -14.08
N SER A 150 -5.02 -1.65 -13.38
CA SER A 150 -4.79 -0.38 -12.75
C SER A 150 -3.74 -0.52 -11.67
N ALA A 151 -3.80 -1.63 -10.89
CA ALA A 151 -2.79 -1.80 -9.80
C ALA A 151 -1.38 -1.94 -10.46
N ARG A 152 -1.33 -2.82 -11.45
CA ARG A 152 -0.11 -3.05 -12.26
CA ARG A 152 -0.04 -3.07 -12.15
C ARG A 152 0.52 -1.75 -12.73
N SER A 153 -0.30 -0.96 -13.40
CA SER A 153 0.15 0.31 -13.98
CA SER A 153 0.17 0.29 -13.99
C SER A 153 0.75 1.25 -12.95
N ALA A 154 0.06 1.39 -11.80
CA ALA A 154 0.58 2.28 -10.74
C ALA A 154 1.94 1.78 -10.18
N TYR A 155 2.01 0.49 -9.81
CA TYR A 155 3.28 -0.07 -9.33
C TYR A 155 4.40 0.08 -10.37
N GLN A 156 4.04 -0.08 -11.65
CA GLN A 156 5.08 -0.10 -12.71
C GLN A 156 5.61 1.29 -12.85
N GLU A 157 4.71 2.28 -12.87
CA GLU A 157 5.18 3.68 -12.97
CA GLU A 157 5.14 3.69 -12.93
C GLU A 157 6.06 4.01 -11.72
N ALA A 158 5.63 3.56 -10.53
CA ALA A 158 6.48 3.81 -9.35
C ALA A 158 7.84 3.11 -9.51
N MET A 159 7.85 1.87 -9.98
CA MET A 159 9.13 1.14 -10.08
CA MET A 159 9.12 1.12 -10.13
C MET A 159 10.06 1.90 -11.05
N ASP A 160 9.51 2.38 -12.14
CA ASP A 160 10.36 3.04 -13.16
C ASP A 160 11.01 4.26 -12.59
N ILE A 161 10.19 5.09 -11.91
CA ILE A 161 10.76 6.22 -11.22
C ILE A 161 11.79 5.83 -10.14
N SER A 162 11.45 4.84 -9.28
CA SER A 162 12.34 4.45 -8.21
C SER A 162 13.71 3.97 -8.68
N LYS A 163 13.73 3.28 -9.81
CA LYS A 163 14.99 2.77 -10.33
C LYS A 163 15.86 3.89 -10.91
N LYS A 164 15.24 4.89 -11.49
CA LYS A 164 15.96 6.03 -12.07
CA LYS A 164 15.96 6.01 -12.08
C LYS A 164 16.45 6.97 -10.99
N GLU A 165 15.67 7.12 -9.90
CA GLU A 165 15.88 8.22 -8.97
CA GLU A 165 15.84 8.22 -8.97
C GLU A 165 16.31 7.90 -7.54
N MET A 166 16.28 6.64 -7.12
CA MET A 166 16.55 6.30 -5.72
C MET A 166 17.60 5.26 -5.66
N PRO A 167 18.40 5.21 -4.56
CA PRO A 167 19.33 4.10 -4.45
C PRO A 167 18.58 2.81 -4.14
N PRO A 168 19.21 1.67 -4.40
CA PRO A 168 18.53 0.41 -4.25
C PRO A 168 18.23 0.09 -2.82
N THR A 169 18.87 0.79 -1.89
CA THR A 169 18.53 0.55 -0.46
C THR A 169 17.45 1.48 0.08
N ASN A 170 16.98 2.46 -0.72
CA ASN A 170 15.98 3.41 -0.18
C ASN A 170 14.74 2.63 0.31
N PRO A 171 14.28 2.85 1.55
CA PRO A 171 13.19 2.01 2.09
C PRO A 171 11.89 2.11 1.34
N ILE A 172 11.61 3.28 0.75
CA ILE A 172 10.41 3.38 -0.08
CA ILE A 172 10.44 3.46 -0.12
C ILE A 172 10.52 2.53 -1.33
N ARG A 173 11.65 2.58 -2.01
CA ARG A 173 11.93 1.69 -3.16
C ARG A 173 11.82 0.20 -2.77
N LEU A 174 12.40 -0.17 -1.62
CA LEU A 174 12.31 -1.56 -1.15
C LEU A 174 10.88 -2.00 -0.85
N GLY A 175 10.13 -1.14 -0.20
CA GLY A 175 8.76 -1.54 0.18
C GLY A 175 7.87 -1.59 -1.07
N LEU A 176 8.15 -0.71 -2.04
CA LEU A 176 7.43 -0.80 -3.32
C LEU A 176 7.69 -2.15 -3.94
N ALA A 177 8.97 -2.56 -4.00
CA ALA A 177 9.27 -3.78 -4.70
C ALA A 177 8.64 -4.95 -3.94
N LEU A 178 8.69 -4.90 -2.61
CA LEU A 178 8.07 -5.93 -1.79
C LEU A 178 6.58 -6.06 -2.15
N ASN A 179 5.86 -4.92 -2.14
CA ASN A 179 4.37 -4.96 -2.44
C ASN A 179 4.08 -5.33 -3.87
N PHE A 180 4.93 -4.90 -4.83
CA PHE A 180 4.69 -5.33 -6.19
C PHE A 180 4.95 -6.85 -6.35
N SER A 181 5.92 -7.39 -5.62
CA SER A 181 6.15 -8.84 -5.68
CA SER A 181 6.15 -8.84 -5.64
CA SER A 181 6.17 -8.84 -5.62
C SER A 181 4.93 -9.57 -5.09
N VAL A 182 4.35 -9.03 -4.03
CA VAL A 182 3.11 -9.65 -3.48
C VAL A 182 1.97 -9.56 -4.49
N PHE A 183 1.82 -8.42 -5.19
CA PHE A 183 0.84 -8.30 -6.23
C PHE A 183 1.06 -9.47 -7.27
N HIS A 184 2.32 -9.66 -7.72
CA HIS A 184 2.55 -10.66 -8.72
C HIS A 184 2.14 -12.04 -8.21
N TYR A 185 2.50 -12.33 -6.96
CA TYR A 185 2.28 -13.66 -6.37
C TYR A 185 0.80 -13.92 -6.06
N GLU A 186 0.14 -12.93 -5.49
CA GLU A 186 -1.22 -13.07 -4.96
CA GLU A 186 -1.21 -13.16 -4.97
C GLU A 186 -2.33 -12.72 -5.92
N ILE A 187 -2.10 -11.78 -6.78
CA ILE A 187 -3.13 -11.28 -7.61
C ILE A 187 -2.96 -11.66 -9.05
N ALA A 188 -1.73 -11.52 -9.60
CA ALA A 188 -1.52 -11.72 -11.02
C ALA A 188 -1.18 -13.14 -11.39
N ASN A 189 -1.15 -14.06 -10.44
CA ASN A 189 -0.84 -15.46 -10.69
CA ASN A 189 -0.81 -15.47 -10.68
C ASN A 189 0.49 -15.58 -11.42
N SER A 190 1.48 -14.79 -10.97
CA SER A 190 2.81 -14.77 -11.62
C SER A 190 3.85 -14.97 -10.56
N PRO A 191 3.91 -16.18 -9.94
CA PRO A 191 4.83 -16.44 -8.85
C PRO A 191 6.27 -16.34 -9.31
N GLU A 192 6.57 -16.62 -10.56
CA GLU A 192 7.98 -16.55 -10.97
C GLU A 192 8.41 -15.10 -11.04
N GLU A 193 7.53 -14.24 -11.56
CA GLU A 193 7.81 -12.78 -11.58
C GLU A 193 8.00 -12.26 -10.14
N ALA A 194 7.12 -12.72 -9.24
CA ALA A 194 7.26 -12.40 -7.82
C ALA A 194 8.60 -12.73 -7.20
N ILE A 195 8.99 -13.98 -7.40
CA ILE A 195 10.27 -14.45 -6.91
C ILE A 195 11.45 -13.69 -7.54
N SER A 196 11.40 -13.47 -8.84
CA SER A 196 12.49 -12.79 -9.57
CA SER A 196 12.49 -12.79 -9.55
C SER A 196 12.63 -11.39 -9.03
N LEU A 197 11.48 -10.71 -8.87
CA LEU A 197 11.55 -9.33 -8.37
C LEU A 197 12.11 -9.26 -6.96
N ALA A 198 11.62 -10.13 -6.09
CA ALA A 198 12.05 -10.07 -4.73
C ALA A 198 13.56 -10.42 -4.63
N LYS A 199 14.04 -11.41 -5.41
CA LYS A 199 15.44 -11.77 -5.31
CA LYS A 199 15.45 -11.82 -5.40
C LYS A 199 16.35 -10.68 -5.89
N THR A 200 16.03 -10.12 -7.06
CA THR A 200 16.82 -9.04 -7.62
CA THR A 200 16.87 -9.03 -7.58
C THR A 200 16.88 -7.80 -6.67
N THR A 201 15.72 -7.49 -6.12
CA THR A 201 15.63 -6.35 -5.18
C THR A 201 16.53 -6.59 -3.97
N PHE A 202 16.45 -7.81 -3.41
CA PHE A 202 17.25 -8.13 -2.20
C PHE A 202 18.77 -8.03 -2.54
N ASP A 203 19.15 -8.62 -3.66
CA ASP A 203 20.59 -8.69 -4.03
C ASP A 203 21.15 -7.30 -4.34
N GLU A 204 20.41 -6.49 -5.06
CA GLU A 204 20.84 -5.10 -5.36
CA GLU A 204 20.84 -5.13 -5.37
C GLU A 204 20.95 -4.25 -4.09
N ALA A 205 20.02 -4.46 -3.13
CA ALA A 205 20.15 -3.70 -1.92
C ALA A 205 21.37 -4.17 -1.12
N MET A 206 21.56 -5.48 -0.98
CA MET A 206 22.70 -6.00 -0.22
CA MET A 206 22.72 -6.04 -0.27
C MET A 206 24.01 -5.37 -0.70
N ALA A 207 24.16 -5.26 -2.02
CA ALA A 207 25.40 -4.70 -2.58
C ALA A 207 25.58 -3.21 -2.35
N ASP A 208 24.53 -2.46 -1.93
CA ASP A 208 24.54 -1.02 -1.65
CA ASP A 208 24.82 -1.08 -1.58
C ASP A 208 24.59 -0.72 -0.09
N LEU A 209 24.45 -1.75 0.75
CA LEU A 209 24.46 -1.53 2.18
C LEU A 209 25.73 -0.83 2.71
N HIS A 210 26.85 -1.10 2.08
CA HIS A 210 28.14 -0.56 2.55
C HIS A 210 28.13 0.99 2.57
N THR A 211 27.21 1.56 1.78
CA THR A 211 27.12 3.03 1.71
C THR A 211 26.37 3.71 2.83
N LEU A 212 25.70 2.93 3.68
CA LEU A 212 24.76 3.43 4.64
C LEU A 212 25.38 3.66 6.03
N SER A 213 24.90 4.69 6.71
CA SER A 213 25.04 4.80 8.17
C SER A 213 24.34 3.71 8.94
N GLU A 214 24.67 3.63 10.23
CA GLU A 214 24.08 2.62 11.09
CA GLU A 214 24.09 2.61 11.07
C GLU A 214 22.54 2.67 11.08
N ASP A 215 22.00 3.88 11.09
CA ASP A 215 20.52 4.01 11.19
C ASP A 215 19.79 3.67 9.87
N SER A 216 20.36 4.14 8.77
CA SER A 216 19.92 3.78 7.42
C SER A 216 20.03 2.27 7.20
N TYR A 217 21.18 1.67 7.60
CA TYR A 217 21.35 0.20 7.51
CA TYR A 217 21.36 0.22 7.54
C TYR A 217 20.21 -0.52 8.23
N LYS A 218 19.83 -0.07 9.43
CA LYS A 218 18.77 -0.77 10.16
CA LYS A 218 18.78 -0.71 10.18
C LYS A 218 17.44 -0.66 9.42
N ASP A 219 17.16 0.53 8.85
CA ASP A 219 15.88 0.75 8.12
C ASP A 219 15.81 -0.17 6.86
N SER A 220 16.89 -0.16 6.10
CA SER A 220 16.96 -0.97 4.85
C SER A 220 16.90 -2.49 5.14
N THR A 221 17.68 -2.94 6.09
CA THR A 221 17.78 -4.36 6.30
C THR A 221 16.45 -4.90 6.90
N LEU A 222 15.69 -4.05 7.59
CA LEU A 222 14.39 -4.53 8.09
CA LEU A 222 14.37 -4.46 8.10
C LEU A 222 13.49 -4.89 6.91
N ILE A 223 13.49 -4.08 5.87
CA ILE A 223 12.59 -4.42 4.73
C ILE A 223 13.20 -5.54 3.90
N MET A 224 14.55 -5.61 3.85
CA MET A 224 15.18 -6.75 3.18
C MET A 224 14.75 -8.06 3.87
N GLN A 225 14.58 -8.05 5.18
CA GLN A 225 14.17 -9.29 5.84
C GLN A 225 12.75 -9.71 5.42
N LEU A 226 11.87 -8.72 5.22
CA LEU A 226 10.52 -9.03 4.68
C LEU A 226 10.59 -9.64 3.27
N LEU A 227 11.51 -9.13 2.42
CA LEU A 227 11.72 -9.77 1.12
C LEU A 227 12.21 -11.20 1.30
N ARG A 228 13.17 -11.40 2.20
CA ARG A 228 13.70 -12.75 2.42
CA ARG A 228 13.70 -12.76 2.42
C ARG A 228 12.60 -13.66 2.96
N ASP A 229 11.76 -13.15 3.86
CA ASP A 229 10.69 -14.01 4.45
C ASP A 229 9.72 -14.46 3.36
N ASN A 230 9.41 -13.57 2.43
CA ASN A 230 8.56 -14.01 1.31
C ASN A 230 9.22 -15.04 0.42
N LEU A 231 10.48 -14.86 0.06
CA LEU A 231 11.17 -15.80 -0.81
C LEU A 231 11.18 -17.17 -0.14
N THR A 232 11.33 -17.16 1.17
CA THR A 232 11.24 -18.41 1.96
C THR A 232 9.82 -19.03 1.90
N LEU A 233 8.78 -18.21 2.04
CA LEU A 233 7.42 -18.70 1.87
CA LEU A 233 7.42 -18.70 1.88
C LEU A 233 7.22 -19.23 0.43
N TRP A 234 7.83 -18.58 -0.57
CA TRP A 234 7.51 -18.87 -1.99
C TRP A 234 8.37 -19.90 -2.65
N THR A 235 9.50 -20.23 -2.05
CA THR A 235 10.36 -21.23 -2.64
C THR A 235 10.57 -22.40 -1.67
#